data_5L45
#
_entry.id   5L45
#
_cell.length_a   106.950
_cell.length_b   64.840
_cell.length_c   91.480
_cell.angle_alpha   90.000
_cell.angle_beta   105.520
_cell.angle_gamma   90.000
#
_symmetry.space_group_name_H-M   'C 1 2 1'
#
loop_
_entity.id
_entity.type
_entity.pdbx_description
1 polymer SimC7
2 non-polymer 'TETRAETHYLENE GLYCOL'
3 non-polymer GLYCEROL
4 water water
#
_entity_poly.entity_id   1
_entity_poly.type   'polypeptide(L)'
_entity_poly.pdbx_seq_one_letter_code
;MGSSHHHHHHSSGLVPRGSHMKILVTGARGSIGSRVAGKLVERGLPVRGGVRDLAAPGLPEGVEAVQADLTRPETLARAL
EGVDKVFLYTVPEGIAGFVDEARAAGVRHVVLLSSIAVTWPDADRDPIGRMHLAVERPIEESGLGWTFVRPEALATNALG
WAPEIRGGDMVRCAYPGAYTTPVHEEDIADVVVAALTTPGHRSAAYALTGPETLTQAEQVALIGEALGRAVRCERMPEQE
ARAVLEGLYPAEVVDAILAGQAARDGRPAEVLDTIRAVTGRPARTFREWAGDHVAAFRPAAQSI
;
_entity_poly.pdbx_strand_id   A,B
#
# COMPACT_ATOMS: atom_id res chain seq x y z
N LYS A 22 -0.71 -32.02 11.81
CA LYS A 22 -0.41 -30.58 12.12
C LYS A 22 -0.81 -29.67 10.96
N ILE A 23 -1.37 -28.51 11.31
CA ILE A 23 -1.68 -27.46 10.36
C ILE A 23 -0.85 -26.22 10.69
N LEU A 24 -0.17 -25.66 9.68
CA LEU A 24 0.49 -24.38 9.79
C LEU A 24 -0.44 -23.28 9.27
N VAL A 25 -0.73 -22.32 10.14
CA VAL A 25 -1.47 -21.13 9.77
C VAL A 25 -0.44 -20.00 9.69
N THR A 26 -0.10 -19.58 8.48
CA THR A 26 0.74 -18.40 8.34
C THR A 26 -0.09 -17.14 8.70
N GLY A 27 0.60 -16.10 9.15
CA GLY A 27 -0.05 -14.85 9.52
C GLY A 27 -1.08 -15.04 10.62
N ALA A 28 -0.73 -15.85 11.62
CA ALA A 28 -1.65 -16.26 12.66
C ALA A 28 -2.04 -15.16 13.64
N ARG A 29 -1.35 -14.03 13.59
CA ARG A 29 -1.75 -12.83 14.34
C ARG A 29 -2.78 -11.97 13.57
N GLY A 30 -2.93 -12.23 12.27
CA GLY A 30 -3.78 -11.41 11.41
C GLY A 30 -5.27 -11.62 11.58
N SER A 31 -6.03 -10.69 11.02
CA SER A 31 -7.49 -10.73 11.03
C SER A 31 -8.07 -12.12 10.72
N ILE A 32 -7.62 -12.71 9.60
CA ILE A 32 -8.16 -13.97 9.14
C ILE A 32 -7.42 -15.12 9.79
N GLY A 33 -6.09 -15.06 9.79
CA GLY A 33 -5.28 -16.16 10.31
C GLY A 33 -5.51 -16.44 11.79
N SER A 34 -5.69 -15.39 12.60
CA SER A 34 -6.00 -15.59 14.02
C SER A 34 -7.28 -16.40 14.20
N ARG A 35 -8.31 -16.08 13.41
CA ARG A 35 -9.60 -16.77 13.53
C ARG A 35 -9.53 -18.22 13.03
N VAL A 36 -8.81 -18.44 11.93
CA VAL A 36 -8.57 -19.78 11.42
C VAL A 36 -7.91 -20.64 12.51
N ALA A 37 -6.81 -20.16 13.06
CA ALA A 37 -6.04 -20.88 14.07
C ALA A 37 -6.87 -21.22 15.32
N GLY A 38 -7.65 -20.24 15.78
CA GLY A 38 -8.55 -20.44 16.92
C GLY A 38 -9.59 -21.51 16.67
N LYS A 39 -10.25 -21.45 15.53
CA LYS A 39 -11.27 -22.42 15.16
C LYS A 39 -10.73 -23.84 15.00
N LEU A 40 -9.48 -23.94 14.54
CA LEU A 40 -8.80 -25.23 14.40
C LEU A 40 -8.45 -25.84 15.76
N VAL A 41 -7.99 -24.99 16.69
CA VAL A 41 -7.70 -25.43 18.06
C VAL A 41 -9.00 -25.85 18.74
N GLU A 42 -10.09 -25.10 18.53
CA GLU A 42 -11.43 -25.48 19.01
C GLU A 42 -11.81 -26.92 18.62
N ARG A 43 -11.51 -27.29 17.38
CA ARG A 43 -11.71 -28.67 16.89
C ARG A 43 -10.66 -29.70 17.35
N GLY A 44 -9.72 -29.30 18.20
CA GLY A 44 -8.77 -30.24 18.82
C GLY A 44 -7.63 -30.64 17.91
N LEU A 45 -7.30 -29.80 16.94
CA LEU A 45 -6.28 -30.09 15.96
C LEU A 45 -4.98 -29.41 16.40
N PRO A 46 -3.83 -30.04 16.13
CA PRO A 46 -2.55 -29.39 16.43
C PRO A 46 -2.24 -28.27 15.44
N VAL A 47 -2.07 -27.05 15.95
CA VAL A 47 -1.90 -25.89 15.10
C VAL A 47 -0.57 -25.20 15.40
N ARG A 48 0.17 -24.89 14.32
CA ARG A 48 1.31 -24.00 14.35
C ARG A 48 0.90 -22.65 13.80
N GLY A 49 1.32 -21.58 14.47
CA GLY A 49 0.97 -20.20 14.10
C GLY A 49 2.19 -19.40 13.69
N GLY A 50 2.24 -19.00 12.42
CA GLY A 50 3.35 -18.18 11.91
C GLY A 50 3.31 -16.77 12.48
N VAL A 51 4.41 -16.35 13.10
CA VAL A 51 4.53 -15.03 13.75
C VAL A 51 5.82 -14.32 13.38
N ARG A 52 5.85 -13.02 13.62
CA ARG A 52 7.02 -12.21 13.31
C ARG A 52 8.09 -12.38 14.40
N ASP A 53 7.66 -12.62 15.64
CA ASP A 53 8.57 -12.73 16.78
C ASP A 53 8.07 -13.70 17.86
N LEU A 54 8.92 -14.64 18.27
CA LEU A 54 8.56 -15.66 19.25
C LEU A 54 8.42 -15.16 20.69
N ALA A 55 9.01 -14.00 21.00
CA ALA A 55 8.83 -13.39 22.32
C ALA A 55 7.37 -12.91 22.53
N ALA A 56 6.67 -12.61 21.44
CA ALA A 56 5.28 -12.12 21.50
C ALA A 56 4.31 -13.12 22.19
N PRO A 57 3.79 -14.17 21.54
CA PRO A 57 3.55 -14.30 20.10
C PRO A 57 2.23 -13.61 19.69
N GLY A 58 1.31 -13.45 20.64
CA GLY A 58 0.02 -12.75 20.42
C GLY A 58 -1.02 -13.60 19.71
N LEU A 59 -1.03 -14.90 20.04
CA LEU A 59 -1.85 -15.92 19.35
C LEU A 59 -2.87 -16.55 20.29
N PRO A 60 -3.91 -17.20 19.72
CA PRO A 60 -4.84 -17.99 20.54
C PRO A 60 -4.15 -19.05 21.41
N GLU A 61 -4.77 -19.39 22.53
CA GLU A 61 -4.36 -20.54 23.36
C GLU A 61 -4.24 -21.80 22.51
N GLY A 62 -3.22 -22.61 22.79
CA GLY A 62 -3.02 -23.89 22.11
C GLY A 62 -2.30 -23.86 20.77
N VAL A 63 -2.09 -22.68 20.19
CA VAL A 63 -1.33 -22.52 18.94
C VAL A 63 0.17 -22.41 19.27
N GLU A 64 1.00 -23.24 18.63
CA GLU A 64 2.46 -23.21 18.80
C GLU A 64 3.00 -22.11 17.88
N ALA A 65 3.61 -21.07 18.45
CA ALA A 65 4.22 -19.99 17.68
C ALA A 65 5.45 -20.49 16.91
N VAL A 66 5.57 -20.13 15.63
CA VAL A 66 6.77 -20.40 14.81
C VAL A 66 7.08 -19.23 13.86
N GLN A 67 8.35 -19.04 13.56
CA GLN A 67 8.77 -18.15 12.46
C GLN A 67 8.50 -18.86 11.13
N ALA A 68 7.74 -18.21 10.25
CA ALA A 68 7.45 -18.76 8.91
C ALA A 68 7.62 -17.67 7.85
N ASP A 69 8.86 -17.24 7.72
CA ASP A 69 9.21 -16.10 6.91
C ASP A 69 9.53 -16.61 5.51
N LEU A 70 8.67 -16.32 4.54
CA LEU A 70 8.88 -16.75 3.14
C LEU A 70 10.15 -16.16 2.50
N THR A 71 10.66 -15.05 3.01
CA THR A 71 11.96 -14.49 2.57
C THR A 71 13.19 -15.23 3.16
N ARG A 72 12.97 -16.13 4.12
CA ARG A 72 14.01 -16.99 4.70
C ARG A 72 13.49 -18.44 4.66
N PRO A 73 13.66 -19.13 3.52
CA PRO A 73 13.07 -20.47 3.37
C PRO A 73 13.56 -21.51 4.37
N GLU A 74 14.73 -21.30 4.97
CA GLU A 74 15.22 -22.21 6.01
C GLU A 74 14.29 -22.16 7.25
N THR A 75 13.68 -21.00 7.53
CA THR A 75 12.67 -20.90 8.60
C THR A 75 11.42 -21.69 8.20
N LEU A 76 11.06 -21.62 6.92
CA LEU A 76 9.94 -22.40 6.41
C LEU A 76 10.16 -23.90 6.58
N ALA A 77 11.37 -24.38 6.32
CA ALA A 77 11.66 -25.81 6.44
C ALA A 77 11.40 -26.31 7.85
N ARG A 78 11.85 -25.55 8.84
CA ARG A 78 11.58 -25.90 10.23
C ARG A 78 10.10 -25.74 10.59
N ALA A 79 9.45 -24.70 10.06
CA ALA A 79 8.01 -24.49 10.31
C ALA A 79 7.13 -25.60 9.73
N LEU A 80 7.57 -26.19 8.63
CA LEU A 80 6.79 -27.23 7.94
C LEU A 80 7.07 -28.66 8.42
N GLU A 81 8.03 -28.85 9.33
CA GLU A 81 8.38 -30.18 9.83
C GLU A 81 7.16 -30.87 10.46
N GLY A 82 6.81 -32.03 9.92
CA GLY A 82 5.62 -32.79 10.34
C GLY A 82 4.27 -32.10 10.10
N VAL A 83 4.22 -31.15 9.17
CA VAL A 83 2.98 -30.42 8.87
C VAL A 83 2.26 -31.09 7.70
N ASP A 84 0.96 -31.31 7.89
CA ASP A 84 0.13 -31.96 6.89
C ASP A 84 -0.50 -30.93 5.94
N LYS A 85 -0.95 -29.82 6.49
CA LYS A 85 -1.68 -28.81 5.72
C LYS A 85 -1.23 -27.41 6.11
N VAL A 86 -1.31 -26.48 5.16
CA VAL A 86 -0.90 -25.10 5.38
C VAL A 86 -2.00 -24.14 4.93
N PHE A 87 -2.36 -23.17 5.76
CA PHE A 87 -3.08 -21.99 5.30
C PHE A 87 -2.04 -20.94 5.00
N LEU A 88 -2.04 -20.44 3.76
CA LEU A 88 -1.06 -19.50 3.24
C LEU A 88 -1.75 -18.19 2.79
N TYR A 89 -1.24 -17.04 3.23
CA TYR A 89 -1.63 -15.72 2.63
C TYR A 89 -0.64 -15.27 1.54
N THR A 90 -1.18 -14.77 0.40
CA THR A 90 -0.38 -14.38 -0.79
C THR A 90 0.80 -13.49 -0.42
N VAL A 91 1.97 -14.09 -0.23
CA VAL A 91 3.19 -13.34 0.04
C VAL A 91 3.64 -12.63 -1.24
N PRO A 92 4.14 -11.39 -1.13
CA PRO A 92 4.67 -10.72 -2.33
C PRO A 92 5.95 -11.35 -2.87
N GLU A 93 6.69 -12.04 -1.99
CA GLU A 93 7.93 -12.72 -2.35
C GLU A 93 7.88 -14.19 -1.87
N GLY A 94 8.65 -15.04 -2.52
CA GLY A 94 9.04 -16.33 -1.97
C GLY A 94 8.17 -17.56 -2.19
N ILE A 95 7.15 -17.47 -3.05
CA ILE A 95 6.29 -18.63 -3.33
C ILE A 95 7.06 -19.88 -3.82
N ALA A 96 8.04 -19.72 -4.72
CA ALA A 96 8.83 -20.85 -5.24
C ALA A 96 9.59 -21.59 -4.13
N GLY A 97 10.16 -20.82 -3.21
CA GLY A 97 10.78 -21.35 -1.99
C GLY A 97 9.77 -22.10 -1.13
N PHE A 98 8.57 -21.55 -0.96
CA PHE A 98 7.54 -22.26 -0.19
C PHE A 98 7.16 -23.61 -0.80
N VAL A 99 6.95 -23.61 -2.11
CA VAL A 99 6.56 -24.82 -2.84
C VAL A 99 7.62 -25.89 -2.64
N ASP A 100 8.88 -25.50 -2.81
CA ASP A 100 10.01 -26.40 -2.56
C ASP A 100 9.99 -27.07 -1.19
N GLU A 101 9.85 -26.25 -0.15
CA GLU A 101 9.93 -26.75 1.24
C GLU A 101 8.67 -27.54 1.60
N ALA A 102 7.53 -27.14 1.05
CA ALA A 102 6.28 -27.85 1.28
C ALA A 102 6.37 -29.27 0.72
N ARG A 103 6.78 -29.37 -0.53
CA ARG A 103 7.05 -30.67 -1.19
C ARG A 103 8.00 -31.54 -0.38
N ALA A 104 9.15 -30.98 0.01
CA ALA A 104 10.16 -31.74 0.74
C ALA A 104 9.68 -32.18 2.12
N ALA A 105 8.85 -31.37 2.77
CA ALA A 105 8.31 -31.72 4.08
C ALA A 105 7.13 -32.69 4.03
N GLY A 106 6.57 -32.94 2.83
CA GLY A 106 5.44 -33.85 2.67
C GLY A 106 4.09 -33.23 3.01
N VAL A 107 3.96 -31.93 2.76
CA VAL A 107 2.69 -31.24 2.91
C VAL A 107 1.76 -31.77 1.82
N ARG A 108 0.53 -32.05 2.20
CA ARG A 108 -0.46 -32.64 1.29
C ARG A 108 -1.50 -31.66 0.76
N HIS A 109 -1.76 -30.57 1.50
CA HIS A 109 -2.84 -29.65 1.17
C HIS A 109 -2.45 -28.22 1.55
N VAL A 110 -2.51 -27.31 0.60
CA VAL A 110 -2.28 -25.90 0.83
C VAL A 110 -3.56 -25.14 0.51
N VAL A 111 -4.09 -24.40 1.49
CA VAL A 111 -5.20 -23.51 1.25
C VAL A 111 -4.63 -22.10 1.13
N LEU A 112 -4.85 -21.46 -0.02
CA LEU A 112 -4.28 -20.16 -0.32
C LEU A 112 -5.36 -19.09 -0.27
N LEU A 113 -5.08 -18.01 0.48
CA LEU A 113 -5.91 -16.82 0.41
C LEU A 113 -5.44 -16.00 -0.77
N SER A 114 -6.29 -15.89 -1.79
CA SER A 114 -5.96 -15.25 -3.04
C SER A 114 -6.91 -14.06 -3.22
N SER A 115 -7.40 -13.84 -4.43
CA SER A 115 -8.28 -12.72 -4.72
C SER A 115 -9.21 -13.05 -5.88
N ILE A 116 -10.44 -12.54 -5.80
CA ILE A 116 -11.39 -12.63 -6.89
C ILE A 116 -10.91 -11.94 -8.19
N ALA A 117 -9.95 -11.01 -8.08
CA ALA A 117 -9.35 -10.34 -9.26
C ALA A 117 -8.84 -11.33 -10.29
N VAL A 118 -8.36 -12.49 -9.86
CA VAL A 118 -7.87 -13.49 -10.80
C VAL A 118 -8.95 -14.04 -11.75
N THR A 119 -10.21 -13.94 -11.36
CA THR A 119 -11.33 -14.45 -12.15
C THR A 119 -11.86 -13.46 -13.18
N TRP A 120 -11.46 -12.20 -13.08
CA TRP A 120 -11.99 -11.15 -13.97
C TRP A 120 -11.32 -11.22 -15.35
N PRO A 121 -11.94 -10.62 -16.38
CA PRO A 121 -11.37 -10.67 -17.74
C PRO A 121 -10.08 -9.85 -17.88
N ASP A 122 -9.09 -10.40 -18.57
CA ASP A 122 -7.77 -9.78 -18.70
C ASP A 122 -7.13 -9.49 -17.34
N ALA A 123 -7.18 -10.49 -16.46
CA ALA A 123 -6.54 -10.43 -15.15
C ALA A 123 -5.00 -10.31 -15.25
N ASP A 124 -4.42 -10.73 -16.37
CA ASP A 124 -3.00 -10.50 -16.67
C ASP A 124 -2.69 -9.02 -16.85
N ARG A 125 -3.61 -8.31 -17.51
CA ARG A 125 -3.49 -6.86 -17.71
C ARG A 125 -3.62 -6.02 -16.44
N ASP A 126 -4.02 -6.64 -15.31
CA ASP A 126 -4.19 -5.94 -14.03
C ASP A 126 -3.03 -6.29 -13.07
N PRO A 127 -2.50 -5.30 -12.31
CA PRO A 127 -1.44 -5.62 -11.34
C PRO A 127 -1.86 -6.52 -10.19
N ILE A 128 -3.01 -6.24 -9.58
CA ILE A 128 -3.54 -7.04 -8.46
C ILE A 128 -3.82 -8.48 -8.91
N GLY A 129 -4.48 -8.61 -10.07
CA GLY A 129 -4.72 -9.92 -10.70
C GLY A 129 -3.44 -10.69 -10.95
N ARG A 130 -2.46 -10.00 -11.55
CA ARG A 130 -1.16 -10.62 -11.85
C ARG A 130 -0.42 -11.04 -10.59
N MET A 131 -0.46 -10.23 -9.56
CA MET A 131 0.19 -10.59 -8.29
C MET A 131 -0.33 -11.92 -7.75
N HIS A 132 -1.66 -12.06 -7.72
CA HIS A 132 -2.30 -13.26 -7.17
C HIS A 132 -2.14 -14.48 -8.06
N LEU A 133 -2.24 -14.29 -9.37
CA LEU A 133 -1.95 -15.37 -10.33
C LEU A 133 -0.53 -15.91 -10.19
N ALA A 134 0.44 -15.03 -9.89
CA ALA A 134 1.83 -15.47 -9.69
C ALA A 134 2.07 -16.28 -8.40
N VAL A 135 1.10 -16.30 -7.49
CA VAL A 135 1.11 -17.22 -6.36
C VAL A 135 0.26 -18.47 -6.65
N GLU A 136 -0.90 -18.31 -7.26
CA GLU A 136 -1.74 -19.48 -7.60
C GLU A 136 -1.04 -20.45 -8.55
N ARG A 137 -0.46 -19.93 -9.63
CA ARG A 137 0.11 -20.79 -10.65
C ARG A 137 1.21 -21.74 -10.13
N PRO A 138 2.20 -21.23 -9.38
CA PRO A 138 3.19 -22.18 -8.86
C PRO A 138 2.60 -23.28 -7.95
N ILE A 139 1.59 -22.96 -7.15
CA ILE A 139 0.91 -23.97 -6.33
CA ILE A 139 0.92 -23.97 -6.33
C ILE A 139 0.18 -24.95 -7.24
N GLU A 140 -0.52 -24.40 -8.23
CA GLU A 140 -1.33 -25.18 -9.15
CA GLU A 140 -1.33 -25.20 -9.13
C GLU A 140 -0.46 -26.19 -9.90
N GLU A 141 0.73 -25.74 -10.32
CA GLU A 141 1.68 -26.59 -11.06
C GLU A 141 2.58 -27.47 -10.19
N SER A 142 2.43 -27.44 -8.86
CA SER A 142 3.40 -28.07 -7.96
C SER A 142 3.20 -29.57 -7.72
N GLY A 143 1.97 -30.04 -7.87
CA GLY A 143 1.60 -31.40 -7.44
C GLY A 143 1.00 -31.45 -6.05
N LEU A 144 1.13 -30.37 -5.27
CA LEU A 144 0.49 -30.28 -3.97
C LEU A 144 -1.02 -30.21 -4.13
N GLY A 145 -1.76 -30.84 -3.22
CA GLY A 145 -3.19 -30.59 -3.08
C GLY A 145 -3.44 -29.13 -2.72
N TRP A 146 -4.46 -28.54 -3.33
CA TRP A 146 -4.75 -27.13 -3.10
C TRP A 146 -6.23 -26.79 -3.10
N THR A 147 -6.52 -25.70 -2.39
CA THR A 147 -7.79 -25.00 -2.45
C THR A 147 -7.49 -23.50 -2.51
N PHE A 148 -8.14 -22.76 -3.41
CA PHE A 148 -7.96 -21.32 -3.51
C PHE A 148 -9.19 -20.63 -2.99
N VAL A 149 -8.96 -19.66 -2.10
CA VAL A 149 -10.04 -18.84 -1.55
C VAL A 149 -9.83 -17.43 -2.08
N ARG A 150 -10.80 -16.95 -2.86
CA ARG A 150 -10.68 -15.75 -3.67
C ARG A 150 -11.74 -14.70 -3.31
N PRO A 151 -11.52 -13.97 -2.20
CA PRO A 151 -12.52 -12.98 -1.79
C PRO A 151 -12.49 -11.72 -2.63
N GLU A 152 -13.62 -11.04 -2.65
CA GLU A 152 -13.69 -9.68 -3.13
C GLU A 152 -13.15 -8.73 -2.02
N ALA A 153 -13.60 -7.48 -1.98
CA ALA A 153 -13.14 -6.53 -0.97
C ALA A 153 -13.39 -7.01 0.46
N LEU A 154 -12.38 -6.86 1.31
CA LEU A 154 -12.49 -7.20 2.71
C LEU A 154 -13.33 -6.14 3.43
N ALA A 155 -14.30 -6.59 4.21
CA ALA A 155 -15.07 -5.68 5.09
C ALA A 155 -14.13 -4.83 5.96
N THR A 156 -13.06 -5.45 6.44
CA THR A 156 -12.07 -4.79 7.28
C THR A 156 -11.40 -3.56 6.67
N ASN A 157 -11.49 -3.37 5.34
CA ASN A 157 -11.02 -2.12 4.74
C ASN A 157 -11.74 -0.89 5.30
N ALA A 158 -12.96 -1.08 5.80
CA ALA A 158 -13.71 0.00 6.43
C ALA A 158 -13.07 0.53 7.73
N LEU A 159 -12.19 -0.26 8.36
CA LEU A 159 -11.43 0.21 9.52
C LEU A 159 -10.51 1.38 9.17
N GLY A 160 -10.16 1.53 7.89
CA GLY A 160 -9.49 2.72 7.40
C GLY A 160 -10.24 4.02 7.60
N TRP A 161 -11.57 3.98 7.72
CA TRP A 161 -12.36 5.17 8.02
C TRP A 161 -12.51 5.44 9.54
N ALA A 162 -12.00 4.55 10.39
CA ALA A 162 -12.25 4.64 11.84
C ALA A 162 -11.78 5.98 12.41
N PRO A 163 -10.52 6.39 12.13
CA PRO A 163 -10.07 7.68 12.64
C PRO A 163 -10.97 8.86 12.23
N GLU A 164 -11.47 8.84 11.00
CA GLU A 164 -12.34 9.91 10.49
C GLU A 164 -13.72 9.87 11.15
N ILE A 165 -14.30 8.67 11.22
CA ILE A 165 -15.62 8.47 11.84
C ILE A 165 -15.63 8.78 13.34
N ARG A 166 -14.59 8.40 14.05
CA ARG A 166 -14.48 8.68 15.49
C ARG A 166 -14.76 10.13 15.88
N GLY A 167 -14.21 11.06 15.10
CA GLY A 167 -14.34 12.49 15.36
C GLY A 167 -15.48 13.23 14.66
N GLY A 168 -16.15 12.60 13.70
CA GLY A 168 -17.11 13.33 12.86
C GLY A 168 -18.43 12.64 12.63
N ASP A 169 -19.28 13.34 11.89
CA ASP A 169 -20.53 12.83 11.39
C ASP A 169 -20.44 12.72 9.85
N MET A 170 -19.20 12.64 9.34
CA MET A 170 -18.92 12.76 7.91
C MET A 170 -17.68 11.92 7.50
N VAL A 171 -17.81 11.12 6.44
CA VAL A 171 -16.65 10.61 5.70
C VAL A 171 -16.64 11.30 4.34
N ARG A 172 -15.50 11.88 3.97
CA ARG A 172 -15.33 12.50 2.66
C ARG A 172 -14.53 11.56 1.77
N CYS A 173 -15.02 11.29 0.57
CA CYS A 173 -14.25 10.49 -0.38
C CYS A 173 -14.52 10.85 -1.82
N ALA A 174 -13.63 10.39 -2.69
CA ALA A 174 -13.68 10.72 -4.11
C ALA A 174 -14.93 10.17 -4.77
N TYR A 175 -15.30 8.95 -4.40
CA TYR A 175 -16.35 8.20 -5.06
C TYR A 175 -17.26 7.53 -4.04
N PRO A 176 -18.17 8.32 -3.43
CA PRO A 176 -19.17 7.75 -2.53
C PRO A 176 -20.05 6.68 -3.18
N GLY A 177 -20.33 6.84 -4.48
CA GLY A 177 -21.10 5.87 -5.24
C GLY A 177 -20.38 4.62 -5.75
N ALA A 178 -19.10 4.44 -5.43
CA ALA A 178 -18.36 3.25 -5.86
C ALA A 178 -18.81 2.04 -5.09
N TYR A 179 -19.12 0.97 -5.82
CA TYR A 179 -19.57 -0.29 -5.23
C TYR A 179 -18.46 -1.28 -4.96
N THR A 180 -18.54 -1.97 -3.83
CA THR A 180 -17.87 -3.25 -3.62
C THR A 180 -18.89 -4.21 -3.06
N THR A 181 -18.49 -5.46 -2.81
CA THR A 181 -19.35 -6.48 -2.19
C THR A 181 -18.63 -7.03 -0.94
N PRO A 182 -18.49 -6.21 0.11
CA PRO A 182 -17.53 -6.54 1.19
C PRO A 182 -17.79 -7.85 1.93
N VAL A 183 -16.72 -8.60 2.19
CA VAL A 183 -16.84 -9.90 2.83
CA VAL A 183 -16.75 -9.93 2.80
C VAL A 183 -16.31 -9.85 4.25
N HIS A 184 -17.08 -10.45 5.16
CA HIS A 184 -16.74 -10.48 6.59
C HIS A 184 -15.57 -11.46 6.77
N GLU A 185 -14.55 -11.05 7.53
CA GLU A 185 -13.36 -11.91 7.78
C GLU A 185 -13.67 -13.29 8.37
N GLU A 186 -14.67 -13.33 9.23
CA GLU A 186 -15.16 -14.55 9.82
C GLU A 186 -15.70 -15.55 8.77
N ASP A 187 -16.34 -15.05 7.71
CA ASP A 187 -16.78 -15.92 6.62
C ASP A 187 -15.61 -16.51 5.86
N ILE A 188 -14.58 -15.69 5.63
CA ILE A 188 -13.38 -16.16 4.98
C ILE A 188 -12.73 -17.25 5.85
N ALA A 189 -12.62 -16.97 7.14
CA ALA A 189 -12.06 -17.93 8.09
C ALA A 189 -12.86 -19.24 8.09
N ASP A 190 -14.19 -19.14 8.11
CA ASP A 190 -15.03 -20.36 8.06
C ASP A 190 -14.78 -21.19 6.78
N VAL A 191 -14.65 -20.52 5.63
CA VAL A 191 -14.38 -21.22 4.36
C VAL A 191 -13.03 -21.90 4.39
N VAL A 192 -12.01 -21.20 4.89
CA VAL A 192 -10.68 -21.76 5.05
C VAL A 192 -10.73 -22.99 5.97
N VAL A 193 -11.39 -22.85 7.11
CA VAL A 193 -11.49 -23.97 8.05
C VAL A 193 -12.20 -25.17 7.38
N ALA A 194 -13.24 -24.90 6.61
CA ALA A 194 -13.96 -25.95 5.89
C ALA A 194 -13.03 -26.63 4.88
N ALA A 195 -12.24 -25.84 4.16
CA ALA A 195 -11.31 -26.39 3.18
C ALA A 195 -10.24 -27.27 3.82
N LEU A 196 -9.82 -26.92 5.05
CA LEU A 196 -8.81 -27.69 5.79
C LEU A 196 -9.27 -28.96 6.52
N THR A 197 -10.56 -29.07 6.83
CA THR A 197 -11.08 -30.07 7.76
C THR A 197 -12.25 -30.92 7.27
N THR A 198 -12.76 -30.64 6.07
CA THR A 198 -13.93 -31.33 5.55
C THR A 198 -13.66 -31.72 4.10
N PRO A 199 -14.41 -32.72 3.57
CA PRO A 199 -14.13 -33.21 2.22
C PRO A 199 -14.77 -32.38 1.11
N GLY A 200 -14.28 -32.60 -0.11
CA GLY A 200 -14.83 -31.96 -1.30
C GLY A 200 -14.25 -30.62 -1.73
N HIS A 201 -13.12 -30.19 -1.13
CA HIS A 201 -12.49 -28.90 -1.48
C HIS A 201 -11.15 -28.95 -2.24
N ARG A 202 -10.62 -30.14 -2.51
N ARG A 202 -10.60 -30.13 -2.48
CA ARG A 202 -9.34 -30.30 -3.22
CA ARG A 202 -9.33 -30.26 -3.22
C ARG A 202 -9.50 -29.91 -4.70
C ARG A 202 -9.52 -29.87 -4.68
N SER A 203 -8.61 -29.04 -5.18
CA SER A 203 -8.71 -28.39 -6.52
C SER A 203 -9.92 -27.48 -6.72
N ALA A 204 -10.52 -26.99 -5.64
CA ALA A 204 -11.64 -26.05 -5.72
C ALA A 204 -11.07 -24.66 -5.59
N ALA A 205 -11.68 -23.72 -6.29
CA ALA A 205 -11.32 -22.32 -6.18
C ALA A 205 -12.60 -21.55 -5.92
N TYR A 206 -12.72 -20.97 -4.74
CA TYR A 206 -13.96 -20.33 -4.29
C TYR A 206 -13.93 -18.80 -4.37
N ALA A 207 -14.81 -18.22 -5.18
CA ALA A 207 -14.94 -16.77 -5.27
C ALA A 207 -15.93 -16.30 -4.20
N LEU A 208 -15.45 -15.56 -3.22
CA LEU A 208 -16.26 -15.16 -2.08
C LEU A 208 -16.62 -13.69 -2.20
N THR A 209 -17.90 -13.40 -2.05
CA THR A 209 -18.38 -12.05 -1.88
C THR A 209 -19.26 -12.04 -0.66
N GLY A 210 -19.49 -10.84 -0.13
CA GLY A 210 -20.50 -10.64 0.86
C GLY A 210 -21.86 -10.76 0.21
N PRO A 211 -22.92 -10.75 1.04
CA PRO A 211 -24.27 -10.99 0.54
C PRO A 211 -24.93 -9.79 -0.17
N GLU A 212 -24.26 -8.64 -0.20
CA GLU A 212 -24.84 -7.44 -0.77
C GLU A 212 -23.73 -6.57 -1.38
N THR A 213 -23.96 -6.09 -2.60
CA THR A 213 -23.09 -5.07 -3.18
C THR A 213 -23.53 -3.70 -2.63
N LEU A 214 -22.57 -2.93 -2.13
CA LEU A 214 -22.82 -1.70 -1.40
C LEU A 214 -21.92 -0.58 -1.88
N THR A 215 -22.43 0.66 -1.91
CA THR A 215 -21.57 1.81 -2.19
C THR A 215 -20.78 2.14 -0.94
N GLN A 216 -19.69 2.89 -1.13
CA GLN A 216 -18.96 3.43 0.01
C GLN A 216 -19.90 4.18 0.94
N ALA A 217 -20.78 5.00 0.38
CA ALA A 217 -21.71 5.81 1.18
C ALA A 217 -22.69 4.93 1.95
N GLU A 218 -23.17 3.85 1.34
CA GLU A 218 -23.99 2.86 2.04
C GLU A 218 -23.26 2.19 3.20
N GLN A 219 -21.99 1.86 3.01
CA GLN A 219 -21.19 1.25 4.09
C GLN A 219 -21.00 2.20 5.26
N VAL A 220 -20.67 3.45 4.96
CA VAL A 220 -20.50 4.48 5.98
C VAL A 220 -21.79 4.58 6.83
N ALA A 221 -22.93 4.68 6.14
CA ALA A 221 -24.24 4.77 6.82
C ALA A 221 -24.54 3.55 7.70
N LEU A 222 -24.14 2.36 7.26
CA LEU A 222 -24.25 1.15 8.09
C LEU A 222 -23.37 1.19 9.36
N ILE A 223 -22.16 1.78 9.27
CA ILE A 223 -21.36 2.00 10.48
C ILE A 223 -22.08 2.96 11.41
N GLY A 224 -22.68 4.00 10.84
CA GLY A 224 -23.49 4.94 11.61
C GLY A 224 -24.61 4.26 12.41
N GLU A 225 -25.30 3.34 11.75
CA GLU A 225 -26.33 2.52 12.38
C GLU A 225 -25.81 1.69 13.56
N ALA A 226 -24.66 1.05 13.41
CA ALA A 226 -24.06 0.29 14.54
C ALA A 226 -23.77 1.22 15.71
N LEU A 227 -23.25 2.42 15.41
CA LEU A 227 -22.98 3.44 16.41
C LEU A 227 -24.23 4.09 17.00
N GLY A 228 -25.36 3.98 16.30
CA GLY A 228 -26.59 4.65 16.70
C GLY A 228 -26.60 6.13 16.38
N ARG A 229 -25.91 6.57 15.33
CA ARG A 229 -25.95 7.97 14.88
C ARG A 229 -25.63 8.11 13.39
N ALA A 230 -26.14 9.16 12.76
CA ALA A 230 -25.99 9.34 11.32
C ALA A 230 -24.56 9.75 10.99
N VAL A 231 -23.95 9.00 10.08
CA VAL A 231 -22.66 9.35 9.50
C VAL A 231 -22.91 9.46 7.99
N ARG A 232 -22.69 10.67 7.48
CA ARG A 232 -22.88 10.99 6.09
C ARG A 232 -21.60 10.67 5.29
N CYS A 233 -21.75 10.59 3.98
CA CYS A 233 -20.64 10.39 3.10
C CYS A 233 -20.80 11.37 1.96
N GLU A 234 -19.90 12.34 1.87
CA GLU A 234 -19.99 13.39 0.84
C GLU A 234 -18.79 13.32 -0.11
N ARG A 235 -19.04 13.73 -1.35
CA ARG A 235 -18.03 13.76 -2.39
C ARG A 235 -17.00 14.84 -2.06
N MET A 236 -15.72 14.50 -2.22
CA MET A 236 -14.65 15.50 -2.22
C MET A 236 -14.03 15.52 -3.62
N PRO A 237 -13.54 16.69 -4.08
CA PRO A 237 -12.88 16.76 -5.39
C PRO A 237 -11.74 15.75 -5.52
N GLU A 238 -11.55 15.20 -6.71
CA GLU A 238 -10.58 14.10 -6.86
C GLU A 238 -9.14 14.51 -6.51
N GLN A 239 -8.74 15.73 -6.84
CA GLN A 239 -7.37 16.20 -6.54
C GLN A 239 -7.14 16.25 -5.02
N GLU A 240 -8.09 16.81 -4.27
CA GLU A 240 -8.06 16.72 -2.81
C GLU A 240 -7.93 15.30 -2.31
N ALA A 241 -8.75 14.41 -2.87
CA ALA A 241 -8.69 13.00 -2.48
C ALA A 241 -7.35 12.37 -2.83
N ARG A 242 -6.81 12.73 -4.00
CA ARG A 242 -5.49 12.27 -4.42
C ARG A 242 -4.38 12.70 -3.43
N ALA A 243 -4.39 13.98 -3.07
CA ALA A 243 -3.42 14.56 -2.11
C ALA A 243 -3.37 13.77 -0.81
N VAL A 244 -4.55 13.58 -0.19
CA VAL A 244 -4.69 12.82 1.06
C VAL A 244 -4.21 11.37 0.90
N LEU A 245 -4.61 10.74 -0.18
CA LEU A 245 -4.20 9.38 -0.47
C LEU A 245 -2.72 9.26 -0.71
N GLU A 246 -2.09 10.33 -1.21
CA GLU A 246 -0.62 10.39 -1.24
C GLU A 246 0.01 10.45 0.15
N GLY A 247 -0.73 10.95 1.14
CA GLY A 247 -0.36 10.79 2.56
C GLY A 247 -0.20 9.34 3.01
N LEU A 248 -0.92 8.41 2.36
CA LEU A 248 -0.91 6.99 2.71
C LEU A 248 -0.15 6.07 1.74
N TYR A 249 -0.04 6.48 0.46
CA TYR A 249 0.38 5.57 -0.62
C TYR A 249 1.34 6.23 -1.61
N PRO A 250 2.13 5.40 -2.35
CA PRO A 250 2.90 5.94 -3.49
C PRO A 250 1.95 6.51 -4.55
N ALA A 251 2.37 7.60 -5.18
CA ALA A 251 1.58 8.29 -6.22
C ALA A 251 1.04 7.36 -7.32
N GLU A 252 1.81 6.34 -7.69
CA GLU A 252 1.38 5.32 -8.67
C GLU A 252 0.19 4.54 -8.17
N VAL A 253 0.28 4.08 -6.93
CA VAL A 253 -0.80 3.30 -6.30
C VAL A 253 -2.06 4.16 -6.11
N VAL A 254 -1.89 5.42 -5.72
CA VAL A 254 -3.02 6.36 -5.60
C VAL A 254 -3.78 6.44 -6.93
N ASP A 255 -3.02 6.54 -8.01
CA ASP A 255 -3.61 6.63 -9.35
C ASP A 255 -4.46 5.40 -9.68
N ALA A 256 -3.96 4.22 -9.33
CA ALA A 256 -4.67 2.96 -9.51
C ALA A 256 -5.91 2.82 -8.62
N ILE A 257 -5.79 3.28 -7.38
CA ILE A 257 -6.96 3.27 -6.49
C ILE A 257 -8.08 4.12 -7.09
N LEU A 258 -7.76 5.35 -7.49
CA LEU A 258 -8.77 6.27 -8.00
C LEU A 258 -9.39 5.77 -9.32
N ALA A 259 -8.57 5.16 -10.19
CA ALA A 259 -9.08 4.56 -11.43
C ALA A 259 -10.07 3.43 -11.15
N GLY A 260 -9.74 2.53 -10.22
CA GLY A 260 -10.63 1.46 -9.82
C GLY A 260 -11.95 1.95 -9.24
N GLN A 261 -11.88 3.00 -8.40
CA GLN A 261 -13.10 3.57 -7.82
C GLN A 261 -13.97 4.26 -8.85
N ALA A 262 -13.35 4.98 -9.78
CA ALA A 262 -14.09 5.64 -10.86
C ALA A 262 -14.81 4.61 -11.76
N ALA A 263 -14.18 3.46 -11.98
CA ALA A 263 -14.76 2.39 -12.80
C ALA A 263 -15.93 1.69 -12.08
N ARG A 264 -15.85 1.59 -10.76
CA ARG A 264 -16.91 0.99 -9.91
C ARG A 264 -17.98 1.99 -9.48
N ASP A 265 -17.78 3.28 -9.77
CA ASP A 265 -18.77 4.32 -9.49
C ASP A 265 -20.08 4.06 -10.25
N GLY A 266 -21.16 3.84 -9.50
CA GLY A 266 -22.48 3.51 -10.05
C GLY A 266 -22.60 2.13 -10.70
N ARG A 267 -21.63 1.24 -10.45
CA ARG A 267 -21.58 -0.11 -11.06
C ARG A 267 -21.67 -1.19 -9.99
N PRO A 268 -22.89 -1.71 -9.74
CA PRO A 268 -23.04 -2.79 -8.77
C PRO A 268 -22.13 -3.95 -9.09
N ALA A 269 -21.43 -4.46 -8.07
CA ALA A 269 -20.53 -5.57 -8.27
C ALA A 269 -21.32 -6.85 -8.14
N GLU A 270 -20.74 -7.94 -8.60
CA GLU A 270 -21.37 -9.24 -8.58
C GLU A 270 -21.49 -9.79 -7.16
N VAL A 271 -22.65 -10.38 -6.86
CA VAL A 271 -22.89 -11.07 -5.61
C VAL A 271 -22.93 -12.57 -5.87
N LEU A 272 -22.11 -13.32 -5.13
CA LEU A 272 -22.04 -14.76 -5.29
C LEU A 272 -22.53 -15.49 -4.05
N ASP A 273 -23.04 -16.69 -4.28
CA ASP A 273 -23.67 -17.53 -3.26
C ASP A 273 -22.66 -18.48 -2.57
N THR A 274 -21.37 -18.29 -2.83
CA THR A 274 -20.35 -19.28 -2.52
C THR A 274 -20.20 -19.56 -1.03
N ILE A 275 -20.27 -18.53 -0.20
CA ILE A 275 -20.12 -18.70 1.26
C ILE A 275 -21.21 -19.62 1.80
N ARG A 276 -22.45 -19.30 1.47
CA ARG A 276 -23.61 -20.16 1.82
C ARG A 276 -23.44 -21.58 1.25
N ALA A 277 -23.00 -21.67 0.00
CA ALA A 277 -22.87 -22.98 -0.65
C ALA A 277 -21.78 -23.83 -0.01
N VAL A 278 -20.72 -23.21 0.52
CA VAL A 278 -19.63 -23.94 1.18
C VAL A 278 -19.94 -24.24 2.65
N THR A 279 -20.46 -23.25 3.38
CA THR A 279 -20.64 -23.36 4.84
C THR A 279 -22.03 -23.84 5.24
N GLY A 280 -23.01 -23.68 4.36
CA GLY A 280 -24.39 -23.95 4.69
C GLY A 280 -25.07 -22.89 5.55
N ARG A 281 -24.42 -21.75 5.81
CA ARG A 281 -24.97 -20.68 6.64
C ARG A 281 -25.00 -19.41 5.79
N PRO A 282 -25.98 -18.53 6.01
CA PRO A 282 -25.95 -17.25 5.26
C PRO A 282 -24.61 -16.48 5.44
N ALA A 283 -24.12 -15.82 4.40
CA ALA A 283 -22.97 -14.91 4.54
C ALA A 283 -23.29 -13.76 5.49
N ARG A 284 -22.32 -13.34 6.28
CA ARG A 284 -22.50 -12.25 7.23
C ARG A 284 -22.62 -10.91 6.48
N THR A 285 -23.56 -10.09 6.91
CA THR A 285 -23.77 -8.79 6.27
C THR A 285 -22.74 -7.78 6.73
N PHE A 286 -22.61 -6.70 5.97
CA PHE A 286 -21.77 -5.60 6.39
C PHE A 286 -22.35 -4.91 7.62
N ARG A 287 -23.69 -4.86 7.70
CA ARG A 287 -24.38 -4.42 8.94
C ARG A 287 -23.86 -5.22 10.14
N GLU A 288 -23.81 -6.55 10.01
CA GLU A 288 -23.27 -7.44 11.06
C GLU A 288 -21.81 -7.15 11.36
N TRP A 289 -21.01 -7.03 10.29
CA TRP A 289 -19.61 -6.64 10.40
C TRP A 289 -19.47 -5.37 11.22
N ALA A 290 -20.23 -4.34 10.86
CA ALA A 290 -20.12 -3.04 11.53
C ALA A 290 -20.43 -3.14 13.02
N GLY A 291 -21.43 -3.94 13.37
CA GLY A 291 -21.77 -4.21 14.76
C GLY A 291 -20.66 -4.95 15.51
N ASP A 292 -20.11 -5.99 14.89
CA ASP A 292 -18.98 -6.74 15.43
C ASP A 292 -17.76 -5.85 15.71
N HIS A 293 -17.51 -4.87 14.84
CA HIS A 293 -16.39 -3.94 14.97
C HIS A 293 -16.75 -2.54 15.44
N VAL A 294 -17.91 -2.38 16.08
CA VAL A 294 -18.36 -1.04 16.49
C VAL A 294 -17.35 -0.31 17.41
N ALA A 295 -16.60 -1.05 18.24
CA ALA A 295 -15.67 -0.43 19.19
C ALA A 295 -14.54 0.34 18.52
N ALA A 296 -14.15 -0.08 17.32
CA ALA A 296 -13.14 0.64 16.53
C ALA A 296 -13.60 2.04 16.13
N PHE A 297 -14.91 2.28 16.05
CA PHE A 297 -15.45 3.51 15.50
C PHE A 297 -15.89 4.55 16.51
N ARG A 298 -15.68 4.28 17.80
CA ARG A 298 -16.06 5.22 18.87
C ARG A 298 -15.01 5.25 19.99
N PRO A 299 -14.96 6.35 20.77
CA PRO A 299 -13.92 6.54 21.81
C PRO A 299 -13.62 5.37 22.77
N SER B 19 15.82 24.81 -29.43
CA SER B 19 16.91 23.80 -29.50
C SER B 19 17.03 23.01 -28.20
N HIS B 20 16.00 22.20 -27.94
CA HIS B 20 15.90 21.39 -26.73
C HIS B 20 15.12 20.09 -26.99
N MET B 21 15.58 19.01 -26.39
CA MET B 21 14.92 17.72 -26.50
C MET B 21 13.99 17.55 -25.29
N LYS B 22 12.94 16.75 -25.45
CA LYS B 22 11.86 16.65 -24.45
C LYS B 22 12.25 15.90 -23.17
N ILE B 23 11.61 16.29 -22.09
CA ILE B 23 11.70 15.60 -20.81
C ILE B 23 10.35 14.91 -20.57
N LEU B 24 10.38 13.59 -20.32
CA LEU B 24 9.18 12.88 -19.88
C LEU B 24 9.11 12.82 -18.36
N VAL B 25 8.10 13.46 -17.79
CA VAL B 25 7.79 13.37 -16.37
C VAL B 25 6.70 12.32 -16.19
N THR B 26 7.09 11.13 -15.78
CA THR B 26 6.11 10.09 -15.44
C THR B 26 5.35 10.51 -14.17
N GLY B 27 4.14 9.95 -13.98
CA GLY B 27 3.33 10.20 -12.78
C GLY B 27 2.99 11.66 -12.57
N ALA B 28 2.68 12.35 -13.67
CA ALA B 28 2.60 13.82 -13.69
C ALA B 28 1.43 14.41 -12.91
N ARG B 29 0.42 13.61 -12.56
CA ARG B 29 -0.61 14.04 -11.62
C ARG B 29 -0.22 13.92 -10.13
N GLY B 30 0.90 13.28 -9.81
CA GLY B 30 1.36 13.18 -8.42
C GLY B 30 1.82 14.54 -7.91
N SER B 31 1.89 14.73 -6.60
CA SER B 31 2.33 16.01 -6.05
C SER B 31 3.76 16.35 -6.50
N ILE B 32 4.66 15.37 -6.51
CA ILE B 32 6.04 15.64 -6.93
C ILE B 32 6.16 15.78 -8.46
N GLY B 33 5.60 14.83 -9.20
CA GLY B 33 5.60 14.90 -10.68
C GLY B 33 5.01 16.18 -11.26
N SER B 34 3.89 16.62 -10.69
CA SER B 34 3.23 17.84 -11.12
C SER B 34 4.09 19.07 -10.95
N ARG B 35 4.77 19.17 -9.81
CA ARG B 35 5.64 20.30 -9.53
C ARG B 35 6.91 20.27 -10.38
N VAL B 36 7.46 19.09 -10.62
CA VAL B 36 8.59 18.91 -11.53
C VAL B 36 8.17 19.42 -12.92
N ALA B 37 7.05 18.88 -13.41
CA ALA B 37 6.51 19.26 -14.73
C ALA B 37 6.35 20.76 -14.84
N GLY B 38 5.66 21.36 -13.87
CA GLY B 38 5.37 22.78 -13.88
C GLY B 38 6.62 23.66 -13.84
N LYS B 39 7.59 23.25 -13.02
CA LYS B 39 8.85 23.99 -12.90
C LYS B 39 9.70 23.91 -14.19
N LEU B 40 9.59 22.81 -14.91
CA LEU B 40 10.27 22.65 -16.18
C LEU B 40 9.63 23.53 -17.26
N VAL B 41 8.31 23.71 -17.22
CA VAL B 41 7.63 24.65 -18.11
C VAL B 41 8.05 26.07 -17.79
N GLU B 42 8.07 26.43 -16.50
CA GLU B 42 8.56 27.75 -16.08
C GLU B 42 9.89 28.12 -16.78
N ARG B 43 10.75 27.13 -17.00
CA ARG B 43 12.05 27.33 -17.66
C ARG B 43 12.00 27.32 -19.19
N GLY B 44 10.82 27.22 -19.79
CA GLY B 44 10.68 27.17 -21.23
C GLY B 44 11.19 25.88 -21.84
N LEU B 45 11.20 24.80 -21.06
CA LEU B 45 11.64 23.49 -21.56
C LEU B 45 10.44 22.70 -22.02
N PRO B 46 10.54 21.98 -23.16
CA PRO B 46 9.44 21.09 -23.58
C PRO B 46 9.28 19.88 -22.64
N VAL B 47 8.06 19.70 -22.12
CA VAL B 47 7.75 18.69 -21.11
C VAL B 47 6.56 17.83 -21.52
N ARG B 48 6.75 16.51 -21.51
CA ARG B 48 5.63 15.59 -21.57
C ARG B 48 5.26 15.11 -20.16
N GLY B 49 3.96 15.02 -19.92
CA GLY B 49 3.42 14.55 -18.65
C GLY B 49 2.70 13.22 -18.84
N GLY B 50 3.24 12.17 -18.23
CA GLY B 50 2.61 10.85 -18.24
C GLY B 50 1.38 10.81 -17.33
N VAL B 51 0.22 10.59 -17.93
CA VAL B 51 -1.04 10.48 -17.21
C VAL B 51 -1.81 9.24 -17.68
N ARG B 52 -2.71 8.74 -16.83
CA ARG B 52 -3.62 7.64 -17.17
C ARG B 52 -4.73 8.14 -18.08
N ASP B 53 -5.45 9.16 -17.61
CA ASP B 53 -6.60 9.74 -18.29
C ASP B 53 -6.20 11.09 -18.89
N LEU B 54 -6.03 11.11 -20.20
CA LEU B 54 -5.54 12.30 -20.92
C LEU B 54 -6.52 13.49 -20.89
N ALA B 55 -7.81 13.22 -20.68
CA ALA B 55 -8.85 14.27 -20.67
C ALA B 55 -9.21 14.83 -19.27
N ALA B 56 -8.55 14.38 -18.22
CA ALA B 56 -8.82 14.89 -16.86
C ALA B 56 -8.10 16.24 -16.64
N PRO B 57 -8.66 17.14 -15.80
CA PRO B 57 -8.00 18.43 -15.53
C PRO B 57 -7.03 18.37 -14.36
N GLY B 58 -6.01 19.24 -14.37
CA GLY B 58 -5.02 19.31 -13.29
C GLY B 58 -3.59 19.58 -13.71
N LEU B 59 -3.22 19.21 -14.93
CA LEU B 59 -1.85 19.41 -15.43
C LEU B 59 -1.51 20.89 -15.59
N PRO B 60 -0.31 21.31 -15.11
CA PRO B 60 0.12 22.70 -15.37
C PRO B 60 0.05 23.08 -16.86
N GLU B 61 -0.41 24.30 -17.15
CA GLU B 61 -0.45 24.83 -18.52
C GLU B 61 0.94 24.71 -19.21
N GLY B 62 0.94 24.33 -20.48
CA GLY B 62 2.18 24.13 -21.25
C GLY B 62 2.77 22.72 -21.26
N VAL B 63 2.27 21.83 -20.42
CA VAL B 63 2.79 20.46 -20.35
C VAL B 63 2.03 19.58 -21.33
N GLU B 64 2.75 18.88 -22.19
CA GLU B 64 2.15 17.99 -23.17
C GLU B 64 1.72 16.70 -22.46
N ALA B 65 0.41 16.55 -22.24
CA ALA B 65 -0.13 15.31 -21.65
C ALA B 65 0.04 14.15 -22.63
N VAL B 66 0.50 13.00 -22.13
CA VAL B 66 0.76 11.82 -22.95
C VAL B 66 0.42 10.56 -22.14
N GLN B 67 0.08 9.47 -22.82
CA GLN B 67 -0.35 8.25 -22.14
C GLN B 67 0.88 7.44 -21.76
N ALA B 68 1.34 7.65 -20.54
CA ALA B 68 2.31 6.74 -19.93
C ALA B 68 1.55 5.77 -19.03
N ASP B 69 2.07 4.55 -18.97
CA ASP B 69 1.74 3.63 -17.89
C ASP B 69 2.98 2.79 -17.63
N LEU B 70 3.54 2.92 -16.43
CA LEU B 70 4.83 2.31 -16.10
C LEU B 70 4.77 0.80 -15.95
N THR B 71 3.58 0.25 -15.69
CA THR B 71 3.35 -1.20 -15.66
C THR B 71 3.08 -1.80 -17.06
N ARG B 72 2.59 -0.99 -18.00
CA ARG B 72 2.46 -1.36 -19.42
C ARG B 72 3.56 -0.64 -20.25
N PRO B 73 4.79 -1.20 -20.29
CA PRO B 73 5.88 -0.50 -20.97
C PRO B 73 5.78 -0.41 -22.51
N GLU B 74 4.88 -1.16 -23.14
CA GLU B 74 4.54 -0.96 -24.55
C GLU B 74 4.11 0.49 -24.84
N THR B 75 3.41 1.12 -23.89
CA THR B 75 2.98 2.52 -23.97
C THR B 75 4.13 3.54 -24.07
N LEU B 76 5.27 3.19 -23.49
CA LEU B 76 6.42 4.11 -23.37
C LEU B 76 7.07 4.46 -24.71
N ALA B 77 7.05 3.53 -25.67
CA ALA B 77 7.55 3.77 -27.03
C ALA B 77 7.12 5.16 -27.52
N ARG B 78 5.81 5.39 -27.52
CA ARG B 78 5.23 6.64 -28.01
C ARG B 78 5.52 7.78 -27.06
N ALA B 79 5.43 7.51 -25.76
CA ALA B 79 5.78 8.48 -24.73
C ALA B 79 7.23 8.99 -24.83
N LEU B 80 8.16 8.11 -25.18
CA LEU B 80 9.60 8.43 -25.25
C LEU B 80 10.06 9.04 -26.59
N GLU B 81 9.14 9.22 -27.55
CA GLU B 81 9.49 9.82 -28.86
C GLU B 81 10.08 11.23 -28.71
N GLY B 82 11.34 11.36 -29.10
CA GLY B 82 12.06 12.61 -28.97
C GLY B 82 12.39 12.96 -27.53
N VAL B 83 12.48 11.96 -26.65
CA VAL B 83 12.75 12.22 -25.24
C VAL B 83 14.22 11.94 -24.88
N ASP B 84 14.82 12.95 -24.28
CA ASP B 84 16.21 12.97 -23.81
C ASP B 84 16.39 12.50 -22.37
N LYS B 85 15.45 12.91 -21.51
CA LYS B 85 15.54 12.71 -20.06
CA LYS B 85 15.54 12.68 -20.07
C LYS B 85 14.18 12.29 -19.49
N VAL B 86 14.20 11.44 -18.47
CA VAL B 86 12.97 10.98 -17.82
C VAL B 86 13.04 11.16 -16.29
N PHE B 87 11.94 11.68 -15.72
CA PHE B 87 11.69 11.60 -14.29
C PHE B 87 10.78 10.40 -14.02
N LEU B 88 11.29 9.48 -13.21
CA LEU B 88 10.72 8.18 -13.02
C LEU B 88 10.33 7.98 -11.55
N TYR B 89 9.07 7.65 -11.29
CA TYR B 89 8.66 7.12 -9.99
C TYR B 89 9.08 5.63 -9.97
N THR B 90 9.28 5.08 -8.78
CA THR B 90 9.64 3.67 -8.61
C THR B 90 8.45 2.72 -8.83
N VAL B 91 8.41 2.07 -10.00
CA VAL B 91 7.44 1.00 -10.32
C VAL B 91 8.22 -0.26 -10.73
N PRO B 92 8.51 -1.15 -9.74
CA PRO B 92 9.34 -2.36 -9.99
C PRO B 92 8.84 -3.29 -11.10
N GLU B 93 7.52 -3.52 -11.15
CA GLU B 93 6.93 -4.43 -12.13
C GLU B 93 7.39 -4.13 -13.56
N GLY B 94 7.39 -2.85 -13.95
CA GLY B 94 7.70 -2.48 -15.33
C GLY B 94 9.08 -1.90 -15.63
N ILE B 95 10.06 -2.20 -14.77
CA ILE B 95 11.39 -1.56 -14.87
C ILE B 95 12.26 -2.13 -16.00
N ALA B 96 12.23 -3.45 -16.20
CA ALA B 96 12.97 -4.06 -17.32
C ALA B 96 12.50 -3.45 -18.65
N GLY B 97 11.18 -3.45 -18.85
CA GLY B 97 10.54 -2.83 -20.01
C GLY B 97 10.83 -1.34 -20.15
N PHE B 98 10.89 -0.62 -19.05
CA PHE B 98 11.30 0.77 -19.10
C PHE B 98 12.72 0.90 -19.63
N VAL B 99 13.63 0.13 -19.06
CA VAL B 99 15.05 0.14 -19.44
C VAL B 99 15.18 -0.12 -20.94
N ASP B 100 14.52 -1.18 -21.41
CA ASP B 100 14.53 -1.55 -22.82
C ASP B 100 14.05 -0.42 -23.71
N GLU B 101 12.87 0.11 -23.39
CA GLU B 101 12.28 1.20 -24.19
C GLU B 101 13.09 2.49 -24.10
N ALA B 102 13.66 2.75 -22.93
CA ALA B 102 14.54 3.92 -22.76
C ALA B 102 15.77 3.82 -23.66
N ARG B 103 16.46 2.68 -23.63
CA ARG B 103 17.63 2.47 -24.50
C ARG B 103 17.28 2.62 -25.98
N ALA B 104 16.15 2.05 -26.38
CA ALA B 104 15.69 2.10 -27.78
C ALA B 104 15.32 3.51 -28.24
N ALA B 105 14.80 4.32 -27.33
CA ALA B 105 14.51 5.73 -27.60
C ALA B 105 15.76 6.64 -27.59
N GLY B 106 16.90 6.14 -27.08
CA GLY B 106 18.12 6.94 -26.95
C GLY B 106 18.12 7.88 -25.75
N VAL B 107 17.45 7.47 -24.67
CA VAL B 107 17.37 8.30 -23.47
C VAL B 107 18.76 8.47 -22.87
N ARG B 108 19.07 9.71 -22.48
CA ARG B 108 20.39 10.08 -21.98
C ARG B 108 20.47 10.08 -20.46
N HIS B 109 19.36 10.41 -19.78
CA HIS B 109 19.40 10.64 -18.34
C HIS B 109 18.07 10.29 -17.65
N VAL B 110 18.14 9.43 -16.64
CA VAL B 110 16.98 9.06 -15.84
C VAL B 110 17.19 9.55 -14.41
N VAL B 111 16.24 10.36 -13.91
CA VAL B 111 16.25 10.81 -12.53
C VAL B 111 15.17 10.00 -11.80
N LEU B 112 15.57 9.18 -10.84
CA LEU B 112 14.65 8.27 -10.15
C LEU B 112 14.28 8.86 -8.79
N LEU B 113 12.98 8.90 -8.50
CA LEU B 113 12.52 9.15 -7.13
C LEU B 113 12.56 7.83 -6.40
N SER B 114 13.61 7.66 -5.59
CA SER B 114 13.86 6.43 -4.88
C SER B 114 13.50 6.70 -3.41
N SER B 115 14.24 6.09 -2.48
CA SER B 115 14.04 6.31 -1.05
C SER B 115 15.35 6.12 -0.30
N ILE B 116 15.50 6.87 0.79
CA ILE B 116 16.64 6.79 1.70
C ILE B 116 16.73 5.41 2.35
N ALA B 117 15.59 4.70 2.43
CA ALA B 117 15.56 3.31 2.92
C ALA B 117 16.62 2.41 2.29
N VAL B 118 16.97 2.63 1.01
CA VAL B 118 18.03 1.83 0.36
C VAL B 118 19.42 1.98 0.99
N THR B 119 19.67 3.09 1.69
CA THR B 119 20.94 3.33 2.36
C THR B 119 20.98 2.69 3.73
N TRP B 120 19.84 2.71 4.43
CA TRP B 120 19.74 2.15 5.79
C TRP B 120 20.26 0.73 5.91
N PRO B 121 20.81 0.37 7.09
CA PRO B 121 21.55 -0.89 7.19
C PRO B 121 20.65 -2.13 7.13
N ASP B 122 21.10 -3.15 6.39
CA ASP B 122 20.31 -4.36 6.11
C ASP B 122 19.00 -4.02 5.37
N ALA B 123 19.14 -3.32 4.24
CA ALA B 123 18.00 -2.81 3.47
C ALA B 123 17.17 -3.87 2.74
N ASP B 124 17.81 -4.97 2.35
CA ASP B 124 17.11 -6.12 1.76
C ASP B 124 16.05 -6.73 2.70
N ARG B 125 16.34 -6.71 4.01
CA ARG B 125 15.42 -7.22 5.05
C ARG B 125 14.13 -6.40 5.09
N ASP B 126 14.24 -5.11 4.78
CA ASP B 126 13.09 -4.21 4.71
C ASP B 126 12.38 -4.33 3.34
N PRO B 127 11.03 -4.41 3.34
CA PRO B 127 10.30 -4.38 2.06
C PRO B 127 10.55 -3.13 1.24
N ILE B 128 10.33 -1.95 1.85
CA ILE B 128 10.46 -0.66 1.15
C ILE B 128 11.85 -0.50 0.51
N GLY B 129 12.88 -0.87 1.26
CA GLY B 129 14.25 -0.91 0.75
C GLY B 129 14.39 -1.85 -0.43
N ARG B 130 13.93 -3.09 -0.26
CA ARG B 130 13.91 -4.08 -1.33
C ARG B 130 13.25 -3.51 -2.59
N MET B 131 12.07 -2.94 -2.44
CA MET B 131 11.30 -2.36 -3.57
C MET B 131 12.12 -1.33 -4.38
N HIS B 132 12.76 -0.39 -3.69
CA HIS B 132 13.54 0.66 -4.36
C HIS B 132 14.88 0.16 -4.93
N LEU B 133 15.57 -0.74 -4.22
CA LEU B 133 16.77 -1.39 -4.77
C LEU B 133 16.47 -2.12 -6.08
N ALA B 134 15.32 -2.78 -6.14
CA ALA B 134 14.88 -3.51 -7.34
C ALA B 134 14.69 -2.63 -8.57
N VAL B 135 14.56 -1.32 -8.36
CA VAL B 135 14.56 -0.36 -9.47
C VAL B 135 15.91 0.32 -9.66
N GLU B 136 16.59 0.69 -8.57
CA GLU B 136 17.92 1.32 -8.69
C GLU B 136 18.95 0.45 -9.41
N ARG B 137 18.98 -0.84 -9.08
CA ARG B 137 19.99 -1.76 -9.66
C ARG B 137 19.90 -1.94 -11.18
N PRO B 138 18.69 -2.22 -11.72
CA PRO B 138 18.58 -2.23 -13.19
C PRO B 138 18.96 -0.92 -13.90
N ILE B 139 18.64 0.22 -13.29
CA ILE B 139 19.01 1.53 -13.86
CA ILE B 139 19.01 1.53 -13.86
C ILE B 139 20.54 1.67 -13.87
N GLU B 140 21.17 1.34 -12.74
CA GLU B 140 22.63 1.36 -12.64
C GLU B 140 23.31 0.47 -13.68
N GLU B 141 22.76 -0.72 -13.89
CA GLU B 141 23.36 -1.72 -14.79
C GLU B 141 23.01 -1.49 -16.26
N SER B 142 22.11 -0.56 -16.56
CA SER B 142 21.62 -0.38 -17.93
C SER B 142 22.60 0.30 -18.88
N GLY B 143 23.45 1.16 -18.34
CA GLY B 143 24.23 2.08 -19.16
C GLY B 143 23.61 3.46 -19.35
N LEU B 144 22.34 3.65 -18.96
CA LEU B 144 21.69 4.97 -19.04
C LEU B 144 22.32 5.89 -17.99
N GLY B 145 22.35 7.20 -18.27
CA GLY B 145 22.75 8.17 -17.27
C GLY B 145 21.68 8.22 -16.18
N TRP B 146 22.11 8.32 -14.92
CA TRP B 146 21.16 8.31 -13.80
C TRP B 146 21.50 9.26 -12.67
N THR B 147 20.43 9.69 -11.98
CA THR B 147 20.52 10.35 -10.68
C THR B 147 19.40 9.76 -9.83
N PHE B 148 19.75 9.36 -8.60
CA PHE B 148 18.79 8.86 -7.64
C PHE B 148 18.49 9.94 -6.61
N VAL B 149 17.22 10.18 -6.36
CA VAL B 149 16.79 11.11 -5.34
C VAL B 149 16.15 10.25 -4.26
N ARG B 150 16.74 10.26 -3.07
CA ARG B 150 16.41 9.34 -2.01
C ARG B 150 15.92 10.10 -0.76
N PRO B 151 14.64 10.53 -0.78
CA PRO B 151 14.13 11.21 0.39
C PRO B 151 13.84 10.31 1.57
N GLU B 152 13.88 10.90 2.76
CA GLU B 152 13.35 10.26 3.96
C GLU B 152 11.82 10.43 3.91
N ALA B 153 11.14 10.46 5.06
CA ALA B 153 9.67 10.57 5.06
C ALA B 153 9.24 11.85 4.38
N LEU B 154 8.20 11.77 3.56
CA LEU B 154 7.65 12.95 2.92
C LEU B 154 6.80 13.69 3.95
N ALA B 155 6.92 15.02 3.96
CA ALA B 155 6.03 15.86 4.76
C ALA B 155 4.56 15.58 4.45
N THR B 156 4.25 15.34 3.17
CA THR B 156 2.90 14.92 2.73
C THR B 156 2.33 13.70 3.48
N ASN B 157 3.14 12.86 4.13
CA ASN B 157 2.61 11.80 5.01
C ASN B 157 1.63 12.38 6.04
N ALA B 158 1.88 13.61 6.51
CA ALA B 158 0.97 14.31 7.42
C ALA B 158 -0.48 14.50 6.89
N LEU B 159 -0.65 14.48 5.57
CA LEU B 159 -1.97 14.54 4.95
C LEU B 159 -2.82 13.33 5.31
N GLY B 160 -2.19 12.22 5.71
CA GLY B 160 -2.91 11.10 6.28
C GLY B 160 -3.70 11.39 7.54
N TRP B 161 -3.30 12.43 8.27
CA TRP B 161 -4.04 12.89 9.45
C TRP B 161 -5.16 13.88 9.15
N ALA B 162 -5.23 14.39 7.91
CA ALA B 162 -6.24 15.38 7.55
C ALA B 162 -7.67 14.94 7.91
N PRO B 163 -8.07 13.72 7.53
CA PRO B 163 -9.44 13.29 7.87
C PRO B 163 -9.78 13.35 9.38
N GLU B 164 -8.82 12.95 10.20
CA GLU B 164 -8.93 12.97 11.67
C GLU B 164 -8.99 14.42 12.18
N ILE B 165 -8.04 15.23 11.70
CA ILE B 165 -7.87 16.62 12.14
C ILE B 165 -9.00 17.53 11.64
N ARG B 166 -9.51 17.28 10.44
CA ARG B 166 -10.70 18.00 9.92
C ARG B 166 -11.87 18.01 10.90
N GLY B 167 -12.08 16.90 11.61
CA GLY B 167 -13.20 16.76 12.52
C GLY B 167 -12.96 16.85 14.01
N GLY B 168 -11.73 17.09 14.47
CA GLY B 168 -11.46 17.17 15.91
C GLY B 168 -10.10 17.75 16.26
N ASP B 169 -9.83 17.87 17.56
CA ASP B 169 -8.58 18.45 18.06
C ASP B 169 -7.60 17.34 18.47
N MET B 170 -7.60 16.25 17.71
CA MET B 170 -7.14 14.95 18.20
C MET B 170 -6.55 14.05 17.09
N VAL B 171 -5.29 13.65 17.25
CA VAL B 171 -4.70 12.61 16.43
C VAL B 171 -4.33 11.47 17.36
N ARG B 172 -4.63 10.25 16.97
CA ARG B 172 -4.30 9.10 17.76
C ARG B 172 -3.29 8.26 17.00
N CYS B 173 -2.20 7.86 17.64
CA CYS B 173 -1.28 6.91 17.00
C CYS B 173 -0.50 6.05 17.96
N ALA B 174 0.02 4.96 17.43
CA ALA B 174 0.70 3.96 18.22
C ALA B 174 2.00 4.48 18.87
N TYR B 175 2.72 5.35 18.15
CA TYR B 175 4.03 5.86 18.58
C TYR B 175 4.17 7.38 18.39
N PRO B 176 3.51 8.16 19.26
CA PRO B 176 3.68 9.63 19.20
C PRO B 176 5.14 10.09 19.20
N GLY B 177 6.00 9.35 19.90
CA GLY B 177 7.40 9.69 20.02
C GLY B 177 8.35 9.25 18.93
N ALA B 178 7.84 8.59 17.88
CA ALA B 178 8.67 8.14 16.76
C ALA B 178 9.08 9.32 15.88
N TYR B 179 10.37 9.38 15.58
CA TYR B 179 10.97 10.46 14.81
C TYR B 179 11.02 10.09 13.33
N THR B 180 10.84 11.12 12.50
CA THR B 180 11.34 11.14 11.13
C THR B 180 11.97 12.53 10.90
N THR B 181 12.45 12.79 9.69
CA THR B 181 13.02 14.10 9.33
C THR B 181 12.29 14.59 8.07
N PRO B 182 11.03 14.98 8.23
CA PRO B 182 10.12 15.14 7.08
C PRO B 182 10.57 16.19 6.07
N VAL B 183 10.49 15.84 4.79
CA VAL B 183 11.02 16.67 3.71
C VAL B 183 9.86 17.24 2.89
N HIS B 184 9.95 18.54 2.63
CA HIS B 184 8.96 19.25 1.85
C HIS B 184 9.01 18.75 0.39
N GLU B 185 7.87 18.42 -0.19
CA GLU B 185 7.82 17.94 -1.59
C GLU B 185 8.39 18.91 -2.65
N GLU B 186 8.17 20.20 -2.43
CA GLU B 186 8.79 21.27 -3.20
C GLU B 186 10.33 21.19 -3.25
N ASP B 187 10.96 20.82 -2.13
CA ASP B 187 12.41 20.60 -2.12
C ASP B 187 12.79 19.41 -2.96
N ILE B 188 11.99 18.35 -2.91
CA ILE B 188 12.23 17.17 -3.74
C ILE B 188 12.11 17.56 -5.21
N ALA B 189 11.03 18.26 -5.56
CA ALA B 189 10.83 18.76 -6.94
C ALA B 189 12.00 19.66 -7.38
N ASP B 190 12.46 20.55 -6.49
CA ASP B 190 13.63 21.38 -6.78
C ASP B 190 14.90 20.55 -7.05
N VAL B 191 15.12 19.52 -6.26
CA VAL B 191 16.31 18.67 -6.44
C VAL B 191 16.24 17.94 -7.78
N VAL B 192 15.08 17.38 -8.08
CA VAL B 192 14.81 16.67 -9.36
C VAL B 192 15.03 17.57 -10.58
N VAL B 193 14.51 18.79 -10.51
CA VAL B 193 14.69 19.80 -11.57
C VAL B 193 16.17 20.21 -11.75
N ALA B 194 16.89 20.42 -10.64
CA ALA B 194 18.35 20.59 -10.69
C ALA B 194 19.06 19.43 -11.41
N ALA B 195 18.74 18.20 -11.00
CA ALA B 195 19.31 17.00 -11.63
C ALA B 195 19.05 16.94 -13.13
N LEU B 196 17.87 17.38 -13.55
CA LEU B 196 17.47 17.33 -14.96
C LEU B 196 18.07 18.46 -15.83
N THR B 197 18.36 19.62 -15.26
CA THR B 197 18.69 20.83 -16.05
C THR B 197 20.04 21.50 -15.76
N THR B 198 20.79 21.02 -14.76
CA THR B 198 22.05 21.64 -14.37
C THR B 198 23.18 20.59 -14.35
N PRO B 199 24.44 21.05 -14.48
CA PRO B 199 25.53 20.07 -14.58
C PRO B 199 25.87 19.36 -13.27
N GLY B 200 26.56 18.22 -13.40
CA GLY B 200 27.27 17.59 -12.29
C GLY B 200 26.47 16.67 -11.39
N HIS B 201 25.43 16.03 -11.92
CA HIS B 201 24.56 15.15 -11.12
C HIS B 201 24.51 13.68 -11.61
N ARG B 202 25.33 13.33 -12.61
CA ARG B 202 25.36 11.95 -13.13
C ARG B 202 25.99 11.01 -12.13
N SER B 203 25.34 9.86 -11.97
CA SER B 203 25.77 8.83 -11.03
C SER B 203 25.83 9.33 -9.59
N ALA B 204 25.04 10.34 -9.27
CA ALA B 204 24.93 10.86 -7.91
C ALA B 204 23.62 10.32 -7.33
N ALA B 205 23.65 10.06 -6.02
CA ALA B 205 22.48 9.64 -5.26
C ALA B 205 22.36 10.61 -4.12
N TYR B 206 21.27 11.37 -4.08
CA TYR B 206 21.07 12.42 -3.08
C TYR B 206 20.09 11.96 -1.98
N ALA B 207 20.60 11.77 -0.77
CA ALA B 207 19.76 11.45 0.40
C ALA B 207 19.21 12.76 0.98
N LEU B 208 17.89 12.95 0.88
CA LEU B 208 17.28 14.22 1.26
C LEU B 208 16.52 14.09 2.56
N THR B 209 16.74 15.03 3.47
CA THR B 209 15.91 15.16 4.67
C THR B 209 15.45 16.59 4.80
N GLY B 210 14.41 16.80 5.60
CA GLY B 210 14.06 18.15 5.98
C GLY B 210 15.10 18.69 6.94
N PRO B 211 14.91 19.94 7.40
CA PRO B 211 15.92 20.55 8.25
C PRO B 211 15.86 20.16 9.74
N GLU B 212 14.88 19.35 10.18
CA GLU B 212 14.75 19.01 11.59
C GLU B 212 14.09 17.66 11.80
N THR B 213 14.66 16.86 12.69
CA THR B 213 14.04 15.60 13.05
C THR B 213 12.92 15.90 14.06
N LEU B 214 11.75 15.31 13.87
CA LEU B 214 10.53 15.66 14.59
C LEU B 214 9.76 14.40 14.90
N THR B 215 9.11 14.36 16.08
CA THR B 215 8.26 13.24 16.43
C THR B 215 6.93 13.42 15.71
N GLN B 216 6.15 12.34 15.64
CA GLN B 216 4.78 12.46 15.11
C GLN B 216 3.96 13.47 15.91
N ALA B 217 4.07 13.43 17.24
CA ALA B 217 3.38 14.37 18.10
C ALA B 217 3.80 15.82 17.80
N GLU B 218 5.09 16.04 17.59
CA GLU B 218 5.60 17.39 17.27
C GLU B 218 5.07 17.89 15.93
N GLN B 219 4.97 17.01 14.94
CA GLN B 219 4.37 17.37 13.66
C GLN B 219 2.91 17.73 13.80
N VAL B 220 2.19 16.94 14.59
CA VAL B 220 0.78 17.19 14.85
C VAL B 220 0.61 18.59 15.46
N ALA B 221 1.44 18.90 16.45
CA ALA B 221 1.42 20.20 17.11
C ALA B 221 1.69 21.37 16.15
N LEU B 222 2.63 21.19 15.23
CA LEU B 222 2.94 22.23 14.25
C LEU B 222 1.79 22.46 13.26
N ILE B 223 1.06 21.39 12.91
CA ILE B 223 -0.16 21.53 12.10
C ILE B 223 -1.18 22.35 12.89
N GLY B 224 -1.33 22.03 14.17
CA GLY B 224 -2.14 22.80 15.07
C GLY B 224 -1.75 24.27 15.09
N GLU B 225 -0.46 24.57 15.17
CA GLU B 225 0.02 25.96 15.09
C GLU B 225 -0.41 26.61 13.77
N ALA B 226 -0.22 25.93 12.65
CA ALA B 226 -0.70 26.45 11.35
C ALA B 226 -2.21 26.74 11.33
N LEU B 227 -3.01 25.89 11.98
CA LEU B 227 -4.46 26.09 12.06
C LEU B 227 -4.88 27.17 13.05
N GLY B 228 -3.99 27.48 14.00
CA GLY B 228 -4.30 28.43 15.05
C GLY B 228 -5.08 27.79 16.17
N ARG B 229 -4.95 26.48 16.36
CA ARG B 229 -5.61 25.78 17.47
C ARG B 229 -4.82 24.54 17.91
N ALA B 230 -5.07 24.10 19.13
CA ALA B 230 -4.33 23.00 19.74
C ALA B 230 -4.81 21.67 19.19
N VAL B 231 -3.93 20.96 18.49
CA VAL B 231 -4.24 19.58 18.10
C VAL B 231 -3.36 18.67 18.94
N ARG B 232 -4.00 17.79 19.70
CA ARG B 232 -3.33 16.84 20.58
C ARG B 232 -2.97 15.60 19.78
N CYS B 233 -1.87 14.95 20.18
CA CYS B 233 -1.49 13.66 19.65
C CYS B 233 -1.45 12.70 20.81
N GLU B 234 -2.36 11.72 20.84
CA GLU B 234 -2.42 10.75 21.93
C GLU B 234 -2.04 9.37 21.46
N ARG B 235 -1.53 8.57 22.39
CA ARG B 235 -1.24 7.18 22.14
C ARG B 235 -2.52 6.36 21.98
N MET B 236 -2.51 5.44 21.02
CA MET B 236 -3.58 4.46 20.91
C MET B 236 -2.94 3.08 21.05
N PRO B 237 -3.66 2.12 21.65
CA PRO B 237 -3.13 0.76 21.74
C PRO B 237 -2.61 0.24 20.40
N GLU B 238 -1.47 -0.43 20.45
CA GLU B 238 -0.78 -0.90 19.26
C GLU B 238 -1.67 -1.82 18.39
N GLN B 239 -2.47 -2.67 19.03
CA GLN B 239 -3.34 -3.58 18.30
C GLN B 239 -4.47 -2.85 17.58
N GLU B 240 -5.04 -1.84 18.23
CA GLU B 240 -6.01 -0.96 17.59
C GLU B 240 -5.41 -0.26 16.35
N ALA B 241 -4.21 0.26 16.48
CA ALA B 241 -3.51 0.89 15.37
C ALA B 241 -3.24 -0.12 14.27
N ARG B 242 -2.82 -1.32 14.66
CA ARG B 242 -2.55 -2.38 13.71
C ARG B 242 -3.82 -2.72 12.90
N ALA B 243 -4.97 -2.82 13.57
CA ALA B 243 -6.25 -3.08 12.87
C ALA B 243 -6.56 -2.04 11.79
N VAL B 244 -6.38 -0.75 12.12
CA VAL B 244 -6.65 0.35 11.19
C VAL B 244 -5.71 0.25 9.99
N LEU B 245 -4.43 0.03 10.27
CA LEU B 245 -3.41 -0.08 9.23
C LEU B 245 -3.63 -1.28 8.34
N GLU B 246 -4.14 -2.37 8.90
CA GLU B 246 -4.52 -3.54 8.11
C GLU B 246 -5.70 -3.29 7.17
N GLY B 247 -6.49 -2.23 7.43
CA GLY B 247 -7.51 -1.76 6.51
C GLY B 247 -6.98 -1.05 5.27
N LEU B 248 -5.74 -0.57 5.37
CA LEU B 248 -5.05 0.19 4.32
C LEU B 248 -3.94 -0.56 3.60
N TYR B 249 -3.28 -1.50 4.29
CA TYR B 249 -2.04 -2.15 3.81
C TYR B 249 -2.07 -3.65 4.12
N PRO B 250 -1.26 -4.46 3.39
CA PRO B 250 -1.13 -5.85 3.83
C PRO B 250 -0.22 -5.97 5.05
N ALA B 251 -0.34 -7.10 5.74
CA ALA B 251 0.48 -7.47 6.90
C ALA B 251 1.99 -7.20 6.79
N GLU B 252 2.60 -7.57 5.67
CA GLU B 252 4.03 -7.32 5.43
C GLU B 252 4.39 -5.85 5.60
N VAL B 253 3.56 -4.96 5.03
CA VAL B 253 3.85 -3.53 5.05
C VAL B 253 3.58 -2.97 6.46
N VAL B 254 2.54 -3.47 7.11
CA VAL B 254 2.13 -3.00 8.43
C VAL B 254 3.24 -3.29 9.45
N ASP B 255 3.75 -4.52 9.42
CA ASP B 255 4.86 -4.96 10.27
C ASP B 255 6.04 -4.03 10.14
N ALA B 256 6.43 -3.74 8.90
CA ALA B 256 7.56 -2.84 8.63
C ALA B 256 7.31 -1.43 9.19
N ILE B 257 6.11 -0.89 8.95
CA ILE B 257 5.70 0.43 9.49
C ILE B 257 5.83 0.53 11.03
N LEU B 258 5.16 -0.36 11.74
CA LEU B 258 5.14 -0.34 13.20
C LEU B 258 6.50 -0.67 13.81
N ALA B 259 7.22 -1.64 13.25
CA ALA B 259 8.58 -1.96 13.69
C ALA B 259 9.53 -0.79 13.47
N GLY B 260 9.36 -0.09 12.36
CA GLY B 260 10.13 1.11 12.10
C GLY B 260 9.86 2.20 13.12
N GLN B 261 8.59 2.42 13.43
CA GLN B 261 8.19 3.45 14.39
C GLN B 261 8.67 3.08 15.78
N ALA B 262 8.55 1.80 16.14
CA ALA B 262 9.03 1.32 17.45
C ALA B 262 10.53 1.52 17.64
N ALA B 263 11.31 1.31 16.58
CA ALA B 263 12.75 1.56 16.62
C ALA B 263 13.09 3.05 16.70
N ARG B 264 12.27 3.87 16.04
CA ARG B 264 12.43 5.32 15.99
C ARG B 264 11.84 6.06 17.20
N ASP B 265 11.10 5.36 18.04
CA ASP B 265 10.51 5.92 19.26
C ASP B 265 11.60 6.41 20.21
N GLY B 266 11.67 7.73 20.40
CA GLY B 266 12.72 8.33 21.23
C GLY B 266 14.14 8.30 20.66
N ARG B 267 14.29 8.09 19.35
CA ARG B 267 15.60 8.06 18.68
C ARG B 267 15.61 9.09 17.56
N PRO B 268 16.16 10.30 17.84
CA PRO B 268 16.21 11.32 16.79
C PRO B 268 16.86 10.80 15.49
N ALA B 269 16.23 11.09 14.35
CA ALA B 269 16.74 10.70 13.05
C ALA B 269 17.79 11.70 12.60
N GLU B 270 18.61 11.35 11.63
CA GLU B 270 19.64 12.29 11.23
C GLU B 270 19.11 13.32 10.24
N VAL B 271 19.69 14.50 10.32
CA VAL B 271 19.41 15.61 9.45
C VAL B 271 20.61 15.75 8.53
N LEU B 272 20.37 15.76 7.22
CA LEU B 272 21.41 15.93 6.21
C LEU B 272 21.24 17.27 5.53
N ASP B 273 22.34 17.89 5.09
CA ASP B 273 22.31 19.19 4.40
C ASP B 273 22.32 19.05 2.87
N THR B 274 21.90 17.89 2.36
CA THR B 274 21.93 17.62 0.92
C THR B 274 21.11 18.62 0.08
N ILE B 275 19.91 18.96 0.52
CA ILE B 275 19.08 19.91 -0.24
C ILE B 275 19.82 21.23 -0.46
N ARG B 276 20.46 21.70 0.60
CA ARG B 276 21.23 22.93 0.58
C ARG B 276 22.42 22.84 -0.38
N ALA B 277 23.15 21.73 -0.32
CA ALA B 277 24.30 21.53 -1.21
C ALA B 277 23.87 21.50 -2.67
N VAL B 278 22.72 20.90 -2.97
CA VAL B 278 22.26 20.81 -4.37
C VAL B 278 21.65 22.13 -4.86
N THR B 279 20.72 22.69 -4.10
CA THR B 279 19.91 23.82 -4.57
C THR B 279 20.48 25.18 -4.19
N GLY B 280 21.39 25.22 -3.23
CA GLY B 280 21.94 26.47 -2.73
C GLY B 280 21.02 27.23 -1.76
N ARG B 281 19.88 26.64 -1.41
CA ARG B 281 18.99 27.27 -0.41
C ARG B 281 18.59 26.29 0.71
N PRO B 282 18.23 26.83 1.89
CA PRO B 282 17.85 25.98 3.02
C PRO B 282 16.68 25.04 2.69
N ALA B 283 16.66 23.87 3.31
CA ALA B 283 15.51 22.98 3.19
C ALA B 283 14.31 23.63 3.88
N ARG B 284 13.14 23.54 3.25
CA ARG B 284 11.91 24.11 3.79
C ARG B 284 11.48 23.37 5.06
N THR B 285 11.00 24.12 6.05
CA THR B 285 10.65 23.56 7.34
C THR B 285 9.26 22.90 7.27
N PHE B 286 9.03 21.97 8.19
CA PHE B 286 7.70 21.34 8.28
C PHE B 286 6.64 22.36 8.68
N ARG B 287 7.00 23.32 9.53
CA ARG B 287 6.09 24.41 9.84
C ARG B 287 5.63 25.17 8.60
N GLU B 288 6.54 25.47 7.68
CA GLU B 288 6.19 26.09 6.42
C GLU B 288 5.29 25.14 5.60
N TRP B 289 5.66 23.87 5.54
CA TRP B 289 4.81 22.87 4.87
C TRP B 289 3.38 22.93 5.39
N ALA B 290 3.22 22.98 6.71
CA ALA B 290 1.90 22.97 7.32
C ALA B 290 1.08 24.19 6.94
N GLY B 291 1.71 25.36 6.94
CA GLY B 291 1.12 26.58 6.40
C GLY B 291 0.81 26.48 4.91
N ASP B 292 1.70 25.89 4.12
CA ASP B 292 1.42 25.69 2.67
C ASP B 292 0.17 24.81 2.44
N HIS B 293 -0.03 23.82 3.31
CA HIS B 293 -1.11 22.85 3.17
C HIS B 293 -2.23 22.96 4.19
N VAL B 294 -2.42 24.14 4.77
CA VAL B 294 -3.34 24.28 5.89
C VAL B 294 -4.80 23.99 5.53
N ALA B 295 -5.21 24.33 4.31
CA ALA B 295 -6.57 24.13 3.82
C ALA B 295 -7.00 22.66 3.87
N ALA B 296 -6.06 21.74 3.68
CA ALA B 296 -6.33 20.31 3.79
C ALA B 296 -6.79 19.84 5.18
N PHE B 297 -6.42 20.58 6.22
CA PHE B 297 -6.75 20.23 7.62
C PHE B 297 -7.95 20.97 8.21
N ARG B 298 -8.64 21.78 7.38
CA ARG B 298 -9.89 22.46 7.75
C ARG B 298 -11.06 21.90 6.94
N PRO B 299 -12.30 22.25 7.33
CA PRO B 299 -13.50 21.99 6.50
C PRO B 299 -13.43 22.63 5.11
#